data_3JSR
#
_entry.id   3JSR
#
_cell.length_a   57.603
_cell.length_b   57.603
_cell.length_c   97.554
_cell.angle_alpha   90.00
_cell.angle_beta   90.00
_cell.angle_gamma   90.00
#
_symmetry.space_group_name_H-M   'P 43 21 2'
#
loop_
_entity.id
_entity.type
_entity.pdbx_description
1 polymer 'All0216 protein'
2 non-polymer 'POTASSIUM ION'
3 water water
#
_entity_poly.entity_id   1
_entity_poly.type   'polypeptide(L)'
_entity_poly.pdbx_seq_one_letter_code
;(MSE)K(MSE)QTYYYVLASRRFLLQEEPIEEVLKERTRHYHEQEKEIDFWLVPQPAFLEAPEFADIKAKCPQPAAAIIS
TNSQFITWLKLRLEYVVTGEFSAPSETIPNPLASLATASLEHHHHHH
;
_entity_poly.pdbx_strand_id   A
#
# COMPACT_ATOMS: atom_id res chain seq x y z
N LYS A 2 20.14 3.16 6.50
CA LYS A 2 19.74 1.78 6.38
C LYS A 2 18.35 1.70 5.80
N GLN A 4 14.93 -0.70 4.45
CA GLN A 4 14.13 -1.86 4.80
C GLN A 4 13.17 -2.12 3.65
N THR A 5 12.61 -3.32 3.61
CA THR A 5 11.70 -3.69 2.54
C THR A 5 10.25 -3.36 2.86
N TYR A 6 9.58 -2.73 1.90
CA TYR A 6 8.17 -2.40 2.05
C TYR A 6 7.41 -3.20 1.01
N TYR A 7 6.31 -3.81 1.44
CA TYR A 7 5.48 -4.59 0.55
C TYR A 7 4.21 -3.80 0.31
N TYR A 8 3.66 -3.91 -0.89
CA TYR A 8 2.46 -3.14 -1.19
C TYR A 8 1.45 -3.88 -2.04
N VAL A 9 0.22 -3.40 -1.96
CA VAL A 9 -0.86 -3.89 -2.80
C VAL A 9 -1.31 -2.57 -3.44
N LEU A 10 -1.43 -2.58 -4.76
CA LEU A 10 -1.78 -1.38 -5.52
C LEU A 10 -3.04 -1.57 -6.36
N ALA A 11 -3.86 -0.51 -6.42
CA ALA A 11 -5.09 -0.55 -7.18
C ALA A 11 -5.51 0.87 -7.49
N SER A 12 -6.61 1.03 -8.20
CA SER A 12 -7.10 2.38 -8.50
C SER A 12 -7.74 2.90 -7.23
N ARG A 13 -7.74 4.22 -7.04
CA ARG A 13 -8.36 4.81 -5.87
C ARG A 13 -9.84 4.44 -5.87
N ARG A 14 -10.46 4.45 -7.03
CA ARG A 14 -11.88 4.12 -7.15
C ARG A 14 -12.19 2.74 -6.60
N PHE A 15 -11.34 1.76 -6.91
CA PHE A 15 -11.56 0.41 -6.43
C PHE A 15 -11.45 0.29 -4.91
N LEU A 16 -10.33 0.80 -4.37
CA LEU A 16 -10.10 0.71 -2.92
C LEU A 16 -11.03 1.51 -2.03
N LEU A 17 -11.39 2.71 -2.45
CA LEU A 17 -12.26 3.55 -1.62
C LEU A 17 -13.72 3.59 -2.04
N GLN A 18 -14.08 2.90 -3.12
CA GLN A 18 -15.46 2.92 -3.58
C GLN A 18 -16.07 1.55 -3.85
N GLU A 19 -15.46 0.80 -4.76
CA GLU A 19 -15.95 -0.53 -5.13
C GLU A 19 -15.78 -1.56 -4.02
N GLU A 20 -14.54 -1.73 -3.57
CA GLU A 20 -14.22 -2.69 -2.53
C GLU A 20 -13.53 -1.97 -1.38
N PRO A 21 -14.30 -1.24 -0.56
CA PRO A 21 -13.77 -0.49 0.59
C PRO A 21 -12.98 -1.33 1.59
N ILE A 22 -11.84 -0.80 2.00
CA ILE A 22 -10.97 -1.48 2.95
C ILE A 22 -10.96 -0.82 4.32
N GLU A 23 -11.88 0.11 4.55
CA GLU A 23 -11.95 0.82 5.82
C GLU A 23 -12.12 -0.14 7.00
N GLU A 24 -13.10 -1.03 6.90
CA GLU A 24 -13.36 -1.98 7.97
C GLU A 24 -12.18 -2.91 8.23
N VAL A 25 -11.52 -3.35 7.16
CA VAL A 25 -10.36 -4.23 7.31
C VAL A 25 -9.29 -3.52 8.12
N LEU A 26 -8.96 -2.30 7.73
CA LEU A 26 -7.94 -1.54 8.44
C LEU A 26 -8.37 -1.17 9.85
N LYS A 27 -9.66 -0.89 10.04
CA LYS A 27 -10.16 -0.55 11.38
C LYS A 27 -9.99 -1.75 12.31
N GLU A 28 -10.36 -2.92 11.82
CA GLU A 28 -10.25 -4.16 12.58
C GLU A 28 -8.80 -4.45 12.97
N ARG A 29 -7.91 -4.40 11.99
CA ARG A 29 -6.50 -4.67 12.25
C ARG A 29 -5.90 -3.67 13.23
N THR A 30 -6.28 -2.40 13.07
CA THR A 30 -5.78 -1.37 13.97
C THR A 30 -6.26 -1.64 15.39
N ARG A 31 -7.50 -2.10 15.52
CA ARG A 31 -8.07 -2.40 16.82
C ARG A 31 -7.30 -3.55 17.48
N HIS A 32 -7.02 -4.58 16.71
CA HIS A 32 -6.29 -5.73 17.22
C HIS A 32 -4.89 -5.33 17.66
N TYR A 33 -4.21 -4.52 16.85
CA TYR A 33 -2.87 -4.07 17.19
C TYR A 33 -2.89 -3.30 18.51
N HIS A 34 -3.97 -2.57 18.74
CA HIS A 34 -4.12 -1.79 19.96
C HIS A 34 -4.18 -2.67 21.20
N GLU A 35 -5.09 -3.64 21.20
CA GLU A 35 -5.23 -4.53 22.34
C GLU A 35 -3.98 -5.38 22.54
N GLN A 36 -3.19 -5.51 21.47
CA GLN A 36 -1.95 -6.27 21.52
C GLN A 36 -0.79 -5.33 21.80
N GLU A 37 -1.10 -4.03 21.90
CA GLU A 37 -0.08 -3.03 22.13
C GLU A 37 1.05 -3.21 21.13
N LYS A 38 0.67 -3.46 19.87
CA LYS A 38 1.64 -3.68 18.80
C LYS A 38 1.76 -2.43 17.94
N GLU A 39 2.99 -2.10 17.55
CA GLU A 39 3.24 -0.93 16.72
C GLU A 39 2.66 -1.12 15.32
N ILE A 40 1.93 -0.12 14.85
CA ILE A 40 1.32 -0.16 13.52
C ILE A 40 2.41 -0.34 12.46
N ASP A 41 2.21 -1.30 11.56
CA ASP A 41 3.17 -1.55 10.50
C ASP A 41 2.51 -1.70 9.14
N PHE A 42 1.36 -1.06 8.97
CA PHE A 42 0.63 -1.08 7.71
C PHE A 42 0.00 0.30 7.56
N TRP A 43 -0.09 0.79 6.33
CA TRP A 43 -0.62 2.13 6.10
C TRP A 43 -1.37 2.26 4.78
N LEU A 44 -2.49 2.97 4.81
CA LEU A 44 -3.27 3.24 3.60
C LEU A 44 -2.68 4.52 3.01
N VAL A 45 -2.21 4.45 1.77
CA VAL A 45 -1.57 5.59 1.13
C VAL A 45 -2.14 5.95 -0.24
N PRO A 46 -3.00 6.98 -0.31
CA PRO A 46 -3.61 7.41 -1.58
C PRO A 46 -2.52 8.03 -2.46
N GLN A 47 -2.60 7.75 -3.77
CA GLN A 47 -1.62 8.27 -4.73
C GLN A 47 -0.22 8.25 -4.12
N PRO A 48 0.28 7.05 -3.81
CA PRO A 48 1.61 6.87 -3.21
C PRO A 48 2.80 7.43 -3.97
N ALA A 49 3.71 8.07 -3.24
CA ALA A 49 4.89 8.65 -3.83
C ALA A 49 5.84 7.62 -4.45
N PHE A 50 5.87 6.40 -3.92
CA PHE A 50 6.77 5.41 -4.47
C PHE A 50 6.44 5.14 -5.94
N LEU A 51 5.19 5.34 -6.31
CA LEU A 51 4.75 5.11 -7.69
C LEU A 51 5.34 6.11 -8.67
N GLU A 52 5.86 7.23 -8.16
CA GLU A 52 6.45 8.24 -9.03
C GLU A 52 7.93 7.99 -9.30
N ALA A 53 8.54 7.08 -8.56
CA ALA A 53 9.96 6.77 -8.78
C ALA A 53 10.12 6.34 -10.23
N PRO A 54 11.25 6.71 -10.87
CA PRO A 54 11.47 6.34 -12.27
C PRO A 54 11.31 4.85 -12.55
N GLU A 55 11.76 4.01 -11.61
CA GLU A 55 11.68 2.56 -11.77
C GLU A 55 10.26 2.00 -11.71
N PHE A 56 9.31 2.81 -11.25
CA PHE A 56 7.91 2.39 -11.16
C PHE A 56 7.09 2.96 -12.31
N ALA A 57 7.75 3.56 -13.29
CA ALA A 57 7.06 4.17 -14.43
C ALA A 57 6.12 3.22 -15.17
N ASP A 58 6.56 1.99 -15.42
CA ASP A 58 5.72 1.03 -16.13
C ASP A 58 4.54 0.56 -15.28
N ILE A 59 4.80 0.35 -13.99
CA ILE A 59 3.75 -0.08 -13.08
C ILE A 59 2.71 1.02 -12.95
N LYS A 60 3.16 2.28 -12.93
CA LYS A 60 2.21 3.38 -12.83
C LYS A 60 1.39 3.48 -14.12
N ALA A 61 2.06 3.31 -15.26
CA ALA A 61 1.38 3.40 -16.55
C ALA A 61 0.27 2.35 -16.65
N LYS A 62 0.55 1.17 -16.09
CA LYS A 62 -0.39 0.07 -16.10
C LYS A 62 -1.54 0.20 -15.09
N CYS A 63 -1.33 0.97 -14.02
CA CYS A 63 -2.35 1.14 -12.98
C CYS A 63 -3.29 2.31 -13.23
N PRO A 64 -4.61 2.06 -13.23
CA PRO A 64 -5.58 3.15 -13.45
C PRO A 64 -5.34 4.25 -12.42
N GLN A 65 -5.39 5.50 -12.86
CA GLN A 65 -5.16 6.65 -11.98
C GLN A 65 -6.46 7.44 -11.76
N PRO A 66 -6.61 8.08 -10.58
CA PRO A 66 -5.67 8.13 -9.47
C PRO A 66 -5.58 6.74 -8.84
N ALA A 67 -4.45 6.45 -8.20
CA ALA A 67 -4.22 5.16 -7.58
C ALA A 67 -4.16 5.26 -6.05
N ALA A 68 -4.15 4.10 -5.39
CA ALA A 68 -4.05 4.05 -3.94
C ALA A 68 -3.37 2.74 -3.59
N ALA A 69 -2.68 2.71 -2.46
CA ALA A 69 -2.00 1.50 -2.08
C ALA A 69 -2.02 1.27 -0.58
N ILE A 70 -1.91 0.00 -0.19
CA ILE A 70 -1.80 -0.33 1.21
C ILE A 70 -0.37 -0.84 1.28
N ILE A 71 0.43 -0.22 2.14
CA ILE A 71 1.83 -0.58 2.29
C ILE A 71 2.07 -1.16 3.68
N SER A 72 2.95 -2.15 3.77
CA SER A 72 3.25 -2.78 5.05
C SER A 72 4.61 -3.45 5.05
N THR A 73 5.23 -3.55 6.22
CA THR A 73 6.52 -4.20 6.32
C THR A 73 6.27 -5.69 6.57
N ASN A 74 4.98 -6.05 6.64
CA ASN A 74 4.54 -7.43 6.86
C ASN A 74 4.09 -7.98 5.50
N SER A 75 4.93 -8.83 4.90
CA SER A 75 4.62 -9.40 3.59
C SER A 75 3.37 -10.29 3.54
N GLN A 76 3.16 -11.09 4.57
CA GLN A 76 2.00 -11.97 4.59
C GLN A 76 0.68 -11.20 4.55
N PHE A 77 0.61 -10.08 5.26
CA PHE A 77 -0.60 -9.29 5.28
C PHE A 77 -0.91 -8.78 3.88
N ILE A 78 0.13 -8.33 3.18
CA ILE A 78 -0.03 -7.82 1.83
C ILE A 78 -0.50 -8.91 0.87
N THR A 79 0.12 -10.09 0.97
CA THR A 79 -0.29 -11.18 0.09
C THR A 79 -1.75 -11.55 0.37
N TRP A 80 -2.16 -11.53 1.63
CA TRP A 80 -3.55 -11.83 1.98
C TRP A 80 -4.47 -10.79 1.35
N LEU A 81 -4.05 -9.53 1.37
CA LEU A 81 -4.87 -8.48 0.79
C LEU A 81 -5.07 -8.75 -0.70
N LYS A 82 -4.05 -9.29 -1.36
CA LYS A 82 -4.18 -9.60 -2.77
C LYS A 82 -5.26 -10.66 -2.95
N LEU A 83 -5.22 -11.68 -2.10
CA LEU A 83 -6.22 -12.75 -2.15
C LEU A 83 -7.61 -12.21 -1.82
N ARG A 84 -7.65 -11.25 -0.91
CA ARG A 84 -8.89 -10.62 -0.46
C ARG A 84 -9.49 -9.62 -1.45
N LEU A 85 -8.64 -8.82 -2.08
CA LEU A 85 -9.10 -7.79 -3.02
C LEU A 85 -9.15 -8.21 -4.49
N GLU A 86 -8.20 -9.05 -4.89
CA GLU A 86 -8.12 -9.59 -6.26
C GLU A 86 -7.76 -8.65 -7.42
N TYR A 87 -8.56 -7.61 -7.62
CA TYR A 87 -8.33 -6.65 -8.71
C TYR A 87 -7.20 -5.68 -8.35
N VAL A 88 -6.05 -6.24 -8.02
CA VAL A 88 -4.89 -5.44 -7.61
C VAL A 88 -3.59 -6.12 -8.00
N VAL A 89 -2.48 -5.43 -7.78
CA VAL A 89 -1.16 -6.00 -8.04
C VAL A 89 -0.37 -5.82 -6.75
N THR A 90 0.65 -6.65 -6.54
CA THR A 90 1.46 -6.52 -5.34
C THR A 90 2.93 -6.49 -5.72
N GLY A 91 3.75 -6.02 -4.79
CA GLY A 91 5.17 -5.96 -5.05
C GLY A 91 5.90 -5.48 -3.82
N GLU A 92 7.16 -5.11 -4.01
CA GLU A 92 7.96 -4.62 -2.90
C GLU A 92 9.04 -3.68 -3.41
N PHE A 93 9.62 -2.91 -2.49
CA PHE A 93 10.69 -1.99 -2.82
C PHE A 93 11.48 -1.67 -1.56
N SER A 94 12.73 -1.26 -1.75
CA SER A 94 13.60 -0.92 -0.62
C SER A 94 13.57 0.59 -0.44
N ALA A 95 13.55 1.04 0.81
CA ALA A 95 13.52 2.48 1.08
C ALA A 95 13.97 2.75 2.51
N PRO A 96 14.37 4.00 2.81
CA PRO A 96 14.42 5.13 1.88
C PRO A 96 15.59 5.04 0.91
N SER A 97 15.39 5.54 -0.30
CA SER A 97 16.45 5.55 -1.30
C SER A 97 16.38 6.90 -2.02
N GLU A 98 17.26 7.10 -3.00
CA GLU A 98 17.28 8.35 -3.73
C GLU A 98 15.98 8.57 -4.51
N THR A 99 15.41 7.51 -5.06
CA THR A 99 14.17 7.62 -5.83
C THR A 99 12.92 7.47 -4.97
N ILE A 100 13.08 6.84 -3.80
CA ILE A 100 11.96 6.68 -2.89
C ILE A 100 12.43 7.14 -1.51
N PRO A 101 12.59 8.46 -1.34
CA PRO A 101 13.04 9.05 -0.07
C PRO A 101 12.02 9.00 1.06
N ASN A 102 10.74 8.93 0.71
CA ASN A 102 9.66 8.88 1.69
C ASN A 102 8.69 7.77 1.26
N PRO A 103 9.01 6.51 1.61
CA PRO A 103 8.20 5.34 1.26
C PRO A 103 6.71 5.38 1.57
N LEU A 104 6.32 6.09 2.62
CA LEU A 104 4.89 6.17 2.99
C LEU A 104 4.22 7.48 2.61
N ALA A 105 4.94 8.33 1.86
CA ALA A 105 4.38 9.61 1.46
C ALA A 105 3.24 9.48 0.46
N SER A 106 2.25 10.36 0.61
CA SER A 106 1.11 10.40 -0.29
C SER A 106 1.21 11.70 -1.08
N LEU A 107 0.95 11.63 -2.38
CA LEU A 107 1.01 12.81 -3.23
C LEU A 107 -0.43 13.23 -3.50
N ALA A 108 -1.15 13.52 -2.41
CA ALA A 108 -2.55 13.91 -2.48
C ALA A 108 -3.38 12.65 -2.75
#